data_4KV7
#
_entry.id   4KV7
#
_cell.length_a   37.984
_cell.length_b   44.483
_cell.length_c   57.913
_cell.angle_alpha   76.22
_cell.angle_beta   88.65
_cell.angle_gamma   77.54
#
_symmetry.space_group_name_H-M   'P 1'
#
loop_
_entity.id
_entity.type
_entity.pdbx_description
1 polymer 'Probable leucine/isoleucine/valine-binding protein'
2 non-polymer 'FORMIC ACID'
3 water water
#
_entity_poly.entity_id   1
_entity_poly.type   'polypeptide(L)'
_entity_poly.pdbx_seq_one_letter_code
;SNAAPKSLDATPVDAQLLKFG(MSE)STALSGPAAELGIN(MSE)RHGILAAFDEAKAKNHLPSKTLKLIALDDGYEPAR
TAPN(MSE)HRLTDEHEVLAVVGNVGTPTAITAIPIAQQTKTPFFGAFTGASALRKTESVEFVINYRASYAEETAA
(MSE)VDALVAKGIKPEEIGFFTQNDSYGDDGFFGGLAAIRRHQSVKVSSLPHGRYRRNTSQVEDGLADLL(MSE)HQPL
PKAVI(MSE)VGTYEPCSKLIR(MSE)AR(MSE)NNFNPQFLAVSFVGADALQRSLGDLANGIVATQVVPHFDSDLPLVR
EYRDA(MSE)RDYDPELPLSFVSLEGYIVGRILVKAVTSIKGEISRSSIAAALEQLGQFDIGLGAPLTLGPNDHQASSKV
WPVLIGADSSQSLAWEELLSE
;
_entity_poly.pdbx_strand_id   A
#
loop_
_chem_comp.id
_chem_comp.type
_chem_comp.name
_chem_comp.formula
FMT non-polymer 'FORMIC ACID' 'C H2 O2'
#
# COMPACT_ATOMS: atom_id res chain seq x y z
N ASP A 9 39.44 15.11 5.51
CA ASP A 9 39.93 15.10 4.13
C ASP A 9 40.95 13.99 3.88
N ALA A 10 41.48 13.41 4.95
CA ALA A 10 42.53 12.40 4.85
C ALA A 10 42.04 10.97 5.15
N THR A 11 40.77 10.84 5.53
CA THR A 11 40.25 9.57 6.00
C THR A 11 39.78 8.65 4.89
N PRO A 12 40.33 7.41 4.83
CA PRO A 12 39.86 6.43 3.86
C PRO A 12 38.38 6.15 4.07
N VAL A 13 37.64 6.04 2.98
CA VAL A 13 36.26 5.57 3.03
C VAL A 13 36.16 4.36 2.12
N ASP A 14 35.97 3.18 2.71
CA ASP A 14 35.88 1.95 1.93
C ASP A 14 34.45 1.40 1.93
N ALA A 15 33.56 2.09 2.62
CA ALA A 15 32.15 1.71 2.63
C ALA A 15 31.55 1.99 1.27
N GLN A 16 30.82 1.04 0.72
CA GLN A 16 30.16 1.25 -0.56
C GLN A 16 28.79 1.88 -0.34
N LEU A 17 28.54 2.98 -1.03
CA LEU A 17 27.26 3.65 -0.95
C LEU A 17 26.24 2.91 -1.81
N LEU A 18 25.14 2.49 -1.19
CA LEU A 18 24.05 1.82 -1.89
C LEU A 18 22.86 2.77 -1.97
N LYS A 19 22.64 3.34 -3.15
CA LYS A 19 21.57 4.32 -3.35
C LYS A 19 20.28 3.69 -3.85
N PHE A 20 19.21 3.93 -3.12
CA PHE A 20 17.88 3.51 -3.53
C PHE A 20 17.02 4.74 -3.77
N GLY A 21 16.12 4.66 -4.74
CA GLY A 21 15.28 5.80 -5.08
C GLY A 21 13.82 5.59 -4.73
N MSE A 22 13.09 6.69 -4.64
CA MSE A 22 11.66 6.67 -4.39
C MSE A 22 11.07 7.95 -4.95
O MSE A 22 11.64 9.02 -4.78
CB MSE A 22 11.42 6.58 -2.87
CG MSE A 22 9.95 6.63 -2.42
SE MSE A 22 9.71 6.79 -0.45
CE MSE A 22 10.30 5.01 0.02
N SER A 23 9.96 7.82 -5.68
CA SER A 23 9.15 8.97 -6.08
C SER A 23 7.80 8.77 -5.41
N THR A 24 7.34 9.74 -4.65
CA THR A 24 6.15 9.49 -3.84
C THR A 24 5.51 10.76 -3.33
N ALA A 25 4.33 10.60 -2.75
CA ALA A 25 3.57 11.74 -2.23
C ALA A 25 4.13 12.17 -0.88
N LEU A 26 5.02 13.17 -0.91
CA LEU A 26 5.57 13.74 0.32
C LEU A 26 4.89 15.06 0.68
N SER A 27 4.08 15.58 -0.24
CA SER A 27 3.26 16.76 0.01
C SER A 27 1.94 16.55 -0.71
N GLY A 28 1.02 17.49 -0.51
CA GLY A 28 -0.29 17.37 -1.12
C GLY A 28 -1.26 16.59 -0.27
N PRO A 29 -2.48 16.39 -0.78
CA PRO A 29 -3.55 15.85 0.07
C PRO A 29 -3.42 14.37 0.44
N ALA A 30 -2.51 13.63 -0.20
CA ALA A 30 -2.27 12.22 0.16
C ALA A 30 -0.88 12.03 0.79
N ALA A 31 -0.28 13.12 1.26
CA ALA A 31 1.09 13.08 1.79
C ALA A 31 1.34 12.06 2.88
N GLU A 32 0.34 11.75 3.70
CA GLU A 32 0.56 10.78 4.77
C GLU A 32 1.02 9.43 4.24
N LEU A 33 0.61 9.09 3.03
CA LEU A 33 0.97 7.80 2.45
C LEU A 33 2.46 7.75 2.15
N GLY A 34 2.97 8.75 1.44
CA GLY A 34 4.38 8.75 1.09
C GLY A 34 5.28 9.02 2.27
N ILE A 35 4.86 9.96 3.13
CA ILE A 35 5.64 10.29 4.31
C ILE A 35 5.88 9.06 5.17
N ASN A 36 4.82 8.28 5.36
CA ASN A 36 4.93 7.11 6.23
C ASN A 36 5.58 5.91 5.59
N MSE A 37 5.41 5.74 4.28
CA MSE A 37 6.18 4.71 3.58
C MSE A 37 7.68 5.01 3.70
O MSE A 37 8.49 4.12 3.98
CB MSE A 37 5.80 4.64 2.11
CG MSE A 37 4.64 3.72 1.77
SE MSE A 37 4.96 1.85 2.27
CE MSE A 37 6.20 1.31 0.90
N ARG A 38 8.04 6.28 3.48
CA ARG A 38 9.42 6.70 3.60
C ARG A 38 9.96 6.44 5.01
N HIS A 39 9.19 6.82 6.04
CA HIS A 39 9.65 6.57 7.39
C HIS A 39 9.88 5.08 7.67
N GLY A 40 8.98 4.23 7.18
CA GLY A 40 9.14 2.80 7.41
C GLY A 40 10.41 2.25 6.78
N ILE A 41 10.68 2.65 5.55
CA ILE A 41 11.91 2.26 4.87
C ILE A 41 13.12 2.78 5.63
N LEU A 42 13.08 4.05 6.03
CA LEU A 42 14.22 4.62 6.73
C LEU A 42 14.44 3.99 8.10
N ALA A 43 13.36 3.59 8.77
CA ALA A 43 13.51 2.89 10.05
C ALA A 43 14.19 1.54 9.83
N ALA A 44 13.82 0.84 8.76
CA ALA A 44 14.48 -0.41 8.40
C ALA A 44 15.96 -0.18 8.09
N PHE A 45 16.26 0.88 7.35
CA PHE A 45 17.65 1.17 7.02
C PHE A 45 18.44 1.54 8.28
N ASP A 46 17.82 2.30 9.17
CA ASP A 46 18.44 2.67 10.45
C ASP A 46 18.80 1.44 11.27
N GLU A 47 17.87 0.50 11.32
CA GLU A 47 18.09 -0.74 12.04
C GLU A 47 19.22 -1.56 11.43
N ALA A 48 19.23 -1.63 10.09
CA ALA A 48 20.26 -2.40 9.41
C ALA A 48 21.64 -1.83 9.70
N LYS A 49 21.75 -0.50 9.79
CA LYS A 49 23.01 0.14 10.16
CA LYS A 49 23.03 0.10 10.15
C LYS A 49 23.38 -0.18 11.60
N ALA A 50 22.42 -0.02 12.50
CA ALA A 50 22.65 -0.23 13.93
C ALA A 50 23.13 -1.64 14.23
N LYS A 51 22.59 -2.62 13.51
CA LYS A 51 22.87 -4.02 13.79
C LYS A 51 23.93 -4.61 12.86
N ASN A 52 24.56 -3.75 12.06
CA ASN A 52 25.64 -4.16 11.17
C ASN A 52 25.22 -5.28 10.22
N HIS A 53 24.01 -5.17 9.68
CA HIS A 53 23.49 -6.19 8.78
C HIS A 53 24.22 -6.17 7.43
N LEU A 54 24.73 -5.01 7.05
CA LEU A 54 25.48 -4.88 5.80
CA LEU A 54 25.48 -4.87 5.80
C LEU A 54 26.83 -4.22 6.08
N PRO A 55 27.79 -5.00 6.59
CA PRO A 55 29.09 -4.44 6.93
C PRO A 55 29.74 -3.74 5.74
N SER A 56 30.33 -2.57 5.99
CA SER A 56 31.00 -1.77 4.95
CA SER A 56 31.00 -1.78 4.94
C SER A 56 30.08 -1.35 3.80
N LYS A 57 28.78 -1.23 4.09
CA LYS A 57 27.83 -0.68 3.13
C LYS A 57 27.11 0.47 3.79
N THR A 58 26.81 1.50 3.01
CA THR A 58 26.01 2.62 3.50
C THR A 58 24.73 2.73 2.68
N LEU A 59 23.59 2.60 3.35
CA LEU A 59 22.30 2.70 2.69
C LEU A 59 21.91 4.17 2.58
N LYS A 60 21.39 4.55 1.42
CA LYS A 60 20.90 5.92 1.25
C LYS A 60 19.62 5.86 0.43
N LEU A 61 18.61 6.58 0.90
CA LEU A 61 17.36 6.70 0.15
C LEU A 61 17.26 8.09 -0.45
N ILE A 62 17.11 8.16 -1.76
CA ILE A 62 16.87 9.43 -2.45
C ILE A 62 15.37 9.47 -2.74
N ALA A 63 14.65 10.28 -1.96
CA ALA A 63 13.19 10.33 -2.03
C ALA A 63 12.74 11.66 -2.61
N LEU A 64 12.07 11.59 -3.76
CA LEU A 64 11.61 12.76 -4.48
C LEU A 64 10.09 12.83 -4.38
N ASP A 65 9.57 14.03 -4.20
CA ASP A 65 8.14 14.28 -4.07
C ASP A 65 7.49 14.36 -5.44
N ASP A 66 6.43 13.58 -5.65
CA ASP A 66 5.56 13.76 -6.81
C ASP A 66 4.13 14.17 -6.49
N GLY A 67 3.84 14.36 -5.21
CA GLY A 67 2.51 14.79 -4.80
C GLY A 67 1.39 13.85 -5.23
N TYR A 68 1.70 12.59 -5.52
CA TYR A 68 0.70 11.64 -6.05
C TYR A 68 0.15 12.15 -7.38
N GLU A 69 1.06 12.69 -8.20
CA GLU A 69 0.73 13.15 -9.54
C GLU A 69 1.69 12.61 -10.58
N PRO A 70 1.17 11.82 -11.54
CA PRO A 70 2.03 11.21 -12.56
C PRO A 70 2.88 12.22 -13.36
N ALA A 71 2.38 13.44 -13.53
CA ALA A 71 3.15 14.47 -14.23
C ALA A 71 4.47 14.77 -13.54
N ARG A 72 4.51 14.59 -12.22
CA ARG A 72 5.74 14.77 -11.47
C ARG A 72 6.54 13.48 -11.32
N THR A 73 5.84 12.35 -11.35
CA THR A 73 6.50 11.06 -11.27
C THR A 73 7.49 10.86 -12.40
N ALA A 74 7.11 11.21 -13.62
CA ALA A 74 7.97 10.97 -14.76
C ALA A 74 9.34 11.64 -14.65
N PRO A 75 9.41 12.97 -14.45
CA PRO A 75 10.76 13.53 -14.34
C PRO A 75 11.52 13.02 -13.11
N ASN A 76 10.82 12.73 -12.02
CA ASN A 76 11.49 12.18 -10.86
C ASN A 76 12.16 10.84 -11.19
N MSE A 77 11.44 9.99 -11.92
CA MSE A 77 11.95 8.67 -12.27
C MSE A 77 13.14 8.76 -13.22
O MSE A 77 14.08 7.98 -13.12
CB MSE A 77 10.85 7.79 -12.86
CG MSE A 77 9.81 7.36 -11.82
SE MSE A 77 10.51 6.09 -10.52
CE MSE A 77 11.05 4.70 -11.81
N HIS A 78 13.09 9.71 -14.15
CA HIS A 78 14.22 9.91 -15.03
C HIS A 78 15.45 10.32 -14.22
N ARG A 79 15.27 11.21 -13.25
CA ARG A 79 16.39 11.65 -12.43
C ARG A 79 16.95 10.51 -11.57
N LEU A 80 16.05 9.72 -10.98
CA LEU A 80 16.48 8.62 -10.13
C LEU A 80 17.26 7.56 -10.90
N THR A 81 16.79 7.23 -12.10
CA THR A 81 17.41 6.16 -12.88
C THR A 81 18.63 6.64 -13.68
N ASP A 82 18.61 7.90 -14.11
CA ASP A 82 19.73 8.46 -14.86
C ASP A 82 20.77 9.02 -13.89
N GLU A 83 20.59 10.28 -13.49
CA GLU A 83 21.66 10.97 -12.77
C GLU A 83 21.98 10.38 -11.39
N HIS A 84 20.98 9.89 -10.67
CA HIS A 84 21.25 9.31 -9.35
C HIS A 84 21.73 7.87 -9.42
N GLU A 85 21.51 7.23 -10.56
CA GLU A 85 21.96 5.85 -10.78
C GLU A 85 21.49 4.90 -9.67
N VAL A 86 20.26 5.04 -9.22
CA VAL A 86 19.81 4.22 -8.09
C VAL A 86 19.77 2.73 -8.44
N LEU A 87 19.96 1.91 -7.42
CA LEU A 87 20.03 0.46 -7.59
C LEU A 87 18.65 -0.19 -7.71
N ALA A 88 17.65 0.49 -7.15
CA ALA A 88 16.25 0.04 -7.19
C ALA A 88 15.40 1.24 -6.83
N VAL A 89 14.14 1.22 -7.26
CA VAL A 89 13.15 2.24 -6.90
C VAL A 89 12.17 1.51 -6.00
N VAL A 90 12.04 1.99 -4.77
CA VAL A 90 11.40 1.23 -3.71
CA VAL A 90 11.43 1.24 -3.68
C VAL A 90 10.26 1.99 -3.06
N GLY A 91 9.12 1.31 -2.92
CA GLY A 91 8.01 1.83 -2.13
C GLY A 91 7.19 2.98 -2.67
N ASN A 92 7.30 3.29 -3.96
CA ASN A 92 6.55 4.41 -4.52
C ASN A 92 5.05 4.25 -4.26
N VAL A 93 4.39 5.33 -3.85
CA VAL A 93 2.94 5.31 -3.67
C VAL A 93 2.17 5.50 -4.98
N GLY A 94 1.25 4.58 -5.26
CA GLY A 94 0.16 4.85 -6.17
C GLY A 94 0.12 4.11 -7.49
N THR A 95 -1.09 4.01 -8.03
CA THR A 95 -1.34 3.31 -9.29
C THR A 95 -1.11 4.15 -10.55
N PRO A 96 -1.80 5.32 -10.67
CA PRO A 96 -1.50 6.10 -11.87
C PRO A 96 -0.03 6.56 -11.92
N THR A 97 0.57 6.80 -10.76
CA THR A 97 1.99 7.10 -10.68
C THR A 97 2.84 5.90 -11.13
N ALA A 98 2.55 4.71 -10.61
CA ALA A 98 3.29 3.50 -11.03
C ALA A 98 3.17 3.26 -12.53
N ILE A 99 2.00 3.52 -13.09
CA ILE A 99 1.80 3.26 -14.51
C ILE A 99 2.72 4.16 -15.35
N THR A 100 2.95 5.38 -14.89
CA THR A 100 3.95 6.26 -15.50
C THR A 100 5.40 5.84 -15.19
N ALA A 101 5.64 5.39 -13.97
CA ALA A 101 6.99 5.08 -13.52
C ALA A 101 7.56 3.80 -14.12
N ILE A 102 6.72 2.78 -14.23
CA ILE A 102 7.19 1.45 -14.61
C ILE A 102 7.93 1.37 -15.95
N PRO A 103 7.42 2.02 -17.02
CA PRO A 103 8.19 1.95 -18.27
C PRO A 103 9.60 2.51 -18.15
N ILE A 104 9.78 3.50 -17.28
CA ILE A 104 11.09 4.11 -17.07
C ILE A 104 12.01 3.13 -16.32
N ALA A 105 11.47 2.47 -15.30
CA ALA A 105 12.21 1.43 -14.60
C ALA A 105 12.58 0.29 -15.54
N GLN A 106 11.62 -0.14 -16.37
CA GLN A 106 11.87 -1.22 -17.32
CA GLN A 106 11.87 -1.23 -17.31
C GLN A 106 12.96 -0.89 -18.32
N GLN A 107 12.90 0.30 -18.91
CA GLN A 107 13.87 0.66 -19.93
C GLN A 107 15.27 0.84 -19.38
N THR A 108 15.38 1.16 -18.09
CA THR A 108 16.68 1.29 -17.45
C THR A 108 17.06 0.03 -16.66
N LYS A 109 16.21 -1.00 -16.75
CA LYS A 109 16.44 -2.27 -16.06
C LYS A 109 16.63 -2.09 -14.55
N THR A 110 15.83 -1.19 -13.99
CA THR A 110 15.90 -0.87 -12.57
C THR A 110 14.78 -1.59 -11.83
N PRO A 111 15.11 -2.41 -10.82
CA PRO A 111 14.05 -3.07 -10.05
C PRO A 111 13.10 -2.04 -9.43
N PHE A 112 11.80 -2.34 -9.51
CA PHE A 112 10.74 -1.48 -9.02
C PHE A 112 10.06 -2.32 -7.93
N PHE A 113 10.50 -2.12 -6.68
CA PHE A 113 10.23 -3.07 -5.61
C PHE A 113 9.36 -2.50 -4.50
N GLY A 114 8.31 -3.24 -4.13
CA GLY A 114 7.51 -2.90 -2.97
C GLY A 114 6.64 -1.67 -3.10
N ALA A 115 6.19 -1.38 -4.31
CA ALA A 115 5.33 -0.22 -4.53
C ALA A 115 4.05 -0.29 -3.69
N PHE A 116 3.68 0.83 -3.09
CA PHE A 116 2.46 0.96 -2.28
C PHE A 116 1.28 1.14 -3.24
N THR A 117 0.85 0.01 -3.79
CA THR A 117 -0.28 -0.05 -4.72
C THR A 117 -0.58 -1.51 -4.99
N GLY A 118 -1.85 -1.89 -4.87
CA GLY A 118 -2.30 -3.22 -5.18
C GLY A 118 -2.79 -3.43 -6.59
N ALA A 119 -2.43 -2.55 -7.51
CA ALA A 119 -3.02 -2.59 -8.83
C ALA A 119 -2.60 -3.82 -9.63
N SER A 120 -3.54 -4.30 -10.43
CA SER A 120 -3.26 -5.45 -11.26
C SER A 120 -2.21 -5.14 -12.31
N ALA A 121 -2.04 -3.87 -12.68
CA ALA A 121 -1.01 -3.50 -13.66
C ALA A 121 0.39 -3.90 -13.24
N LEU A 122 0.63 -3.99 -11.93
CA LEU A 122 1.94 -4.39 -11.42
C LEU A 122 2.08 -5.90 -11.30
N ARG A 123 1.03 -6.63 -11.67
CA ARG A 123 0.90 -8.03 -11.30
C ARG A 123 0.56 -8.92 -12.49
N LYS A 124 0.81 -8.42 -13.69
CA LYS A 124 0.61 -9.22 -14.89
C LYS A 124 1.64 -10.34 -14.97
N VAL A 128 6.32 -6.55 -17.14
CA VAL A 128 6.73 -5.99 -15.84
C VAL A 128 7.73 -6.89 -15.12
N GLU A 129 8.74 -7.35 -15.86
CA GLU A 129 9.74 -8.25 -15.31
C GLU A 129 10.50 -7.64 -14.12
N PHE A 130 10.66 -6.32 -14.13
CA PHE A 130 11.39 -5.62 -13.07
C PHE A 130 10.52 -5.20 -11.91
N VAL A 131 9.23 -5.48 -12.00
CA VAL A 131 8.29 -5.10 -10.95
C VAL A 131 8.09 -6.27 -9.99
N ILE A 132 8.53 -6.08 -8.75
CA ILE A 132 8.47 -7.12 -7.73
C ILE A 132 7.76 -6.56 -6.52
N ASN A 133 6.73 -7.26 -6.07
CA ASN A 133 5.80 -6.77 -5.07
C ASN A 133 5.87 -7.54 -3.77
N TYR A 134 5.66 -6.84 -2.66
CA TYR A 134 5.39 -7.47 -1.38
C TYR A 134 3.88 -7.77 -1.20
N ARG A 135 3.06 -6.74 -1.35
CA ARG A 135 1.69 -6.77 -0.84
C ARG A 135 0.68 -7.49 -1.70
N ALA A 136 -0.36 -7.98 -1.03
CA ALA A 136 -1.56 -8.48 -1.69
C ALA A 136 -2.15 -7.40 -2.58
N SER A 137 -3.00 -7.82 -3.51
CA SER A 137 -3.56 -6.94 -4.52
C SER A 137 -4.94 -6.39 -4.14
N TYR A 138 -5.38 -5.38 -4.90
CA TYR A 138 -6.75 -4.87 -4.73
C TYR A 138 -7.78 -5.95 -5.06
N ALA A 139 -7.49 -6.78 -6.06
CA ALA A 139 -8.39 -7.90 -6.37
C ALA A 139 -8.56 -8.79 -5.13
N GLU A 140 -7.45 -9.08 -4.46
CA GLU A 140 -7.52 -9.91 -3.26
C GLU A 140 -8.25 -9.22 -2.10
N GLU A 141 -8.03 -7.92 -1.91
CA GLU A 141 -8.74 -7.21 -0.84
C GLU A 141 -10.23 -7.18 -1.08
N THR A 142 -10.60 -6.83 -2.31
CA THR A 142 -12.02 -6.71 -2.65
C THR A 142 -12.74 -8.05 -2.65
N ALA A 143 -12.04 -9.11 -3.03
CA ALA A 143 -12.63 -10.45 -2.96
C ALA A 143 -12.94 -10.79 -1.51
N ALA A 144 -12.01 -10.51 -0.61
CA ALA A 144 -12.23 -10.80 0.81
C ALA A 144 -13.44 -10.03 1.34
N MSE A 145 -13.54 -8.75 0.99
CA MSE A 145 -14.67 -7.93 1.41
C MSE A 145 -15.99 -8.47 0.90
O MSE A 145 -16.94 -8.63 1.65
CB MSE A 145 -14.49 -6.50 0.89
CG MSE A 145 -13.37 -5.71 1.50
SE MSE A 145 -13.33 -4.04 0.57
CE MSE A 145 -12.10 -3.03 1.69
N VAL A 146 -16.05 -8.70 -0.42
CA VAL A 146 -17.29 -9.11 -1.04
C VAL A 146 -17.75 -10.46 -0.50
N ASP A 147 -16.83 -11.43 -0.41
CA ASP A 147 -17.22 -12.73 0.11
C ASP A 147 -17.76 -12.62 1.53
N ALA A 148 -17.12 -11.78 2.34
CA ALA A 148 -17.56 -11.63 3.72
C ALA A 148 -18.91 -10.94 3.84
N LEU A 149 -19.14 -9.94 2.99
CA LEU A 149 -20.43 -9.24 2.98
C LEU A 149 -21.56 -10.19 2.59
N VAL A 150 -21.34 -10.95 1.52
CA VAL A 150 -22.35 -11.87 1.04
C VAL A 150 -22.62 -12.97 2.07
N ALA A 151 -21.58 -13.42 2.76
CA ALA A 151 -21.77 -14.43 3.80
C ALA A 151 -22.66 -13.92 4.94
N LYS A 152 -22.69 -12.60 5.14
CA LYS A 152 -23.51 -11.99 6.18
C LYS A 152 -24.90 -11.60 5.69
N GLY A 153 -25.20 -11.90 4.43
CA GLY A 153 -26.54 -11.69 3.92
C GLY A 153 -26.74 -10.39 3.15
N ILE A 154 -25.67 -9.64 2.95
CA ILE A 154 -25.73 -8.50 2.04
C ILE A 154 -25.85 -9.06 0.63
N LYS A 155 -26.82 -8.58 -0.12
CA LYS A 155 -27.01 -9.07 -1.48
C LYS A 155 -25.97 -8.46 -2.40
N PRO A 156 -25.53 -9.22 -3.42
CA PRO A 156 -24.56 -8.66 -4.37
C PRO A 156 -24.98 -7.29 -4.92
N GLU A 157 -26.27 -7.11 -5.19
CA GLU A 157 -26.77 -5.85 -5.74
C GLU A 157 -26.76 -4.69 -4.73
N GLU A 158 -26.53 -5.01 -3.46
CA GLU A 158 -26.52 -4.01 -2.38
C GLU A 158 -25.11 -3.53 -2.05
N ILE A 159 -24.12 -3.96 -2.82
CA ILE A 159 -22.73 -3.56 -2.61
C ILE A 159 -22.37 -2.47 -3.61
N GLY A 160 -22.06 -1.29 -3.09
CA GLY A 160 -21.70 -0.14 -3.91
C GLY A 160 -20.24 0.23 -3.78
N PHE A 161 -19.80 1.14 -4.65
CA PHE A 161 -18.39 1.52 -4.72
C PHE A 161 -18.26 3.03 -4.78
N PHE A 162 -17.27 3.55 -4.06
CA PHE A 162 -16.91 4.97 -4.12
C PHE A 162 -15.44 4.99 -4.45
N THR A 163 -15.09 5.44 -5.66
CA THR A 163 -13.73 5.26 -6.13
C THR A 163 -13.14 6.49 -6.81
N GLN A 164 -11.82 6.56 -6.78
CA GLN A 164 -11.09 7.63 -7.44
C GLN A 164 -11.24 7.45 -8.95
N ASN A 165 -11.46 8.55 -9.66
CA ASN A 165 -11.80 8.47 -11.08
C ASN A 165 -10.56 8.40 -11.96
N ASP A 166 -9.83 7.29 -11.82
CA ASP A 166 -8.58 7.07 -12.54
C ASP A 166 -8.24 5.59 -12.47
N SER A 167 -7.01 5.25 -12.83
CA SER A 167 -6.62 3.84 -12.88
C SER A 167 -6.64 3.14 -11.52
N TYR A 168 -6.48 3.89 -10.43
CA TYR A 168 -6.58 3.30 -9.09
C TYR A 168 -8.02 2.87 -8.82
N GLY A 169 -8.94 3.81 -8.93
CA GLY A 169 -10.33 3.50 -8.68
C GLY A 169 -10.85 2.45 -9.63
N ASP A 170 -10.47 2.54 -10.90
CA ASP A 170 -10.84 1.53 -11.87
C ASP A 170 -10.42 0.13 -11.40
N ASP A 171 -9.19 0.01 -10.93
CA ASP A 171 -8.67 -1.30 -10.57
C ASP A 171 -9.42 -1.90 -9.38
N GLY A 172 -9.70 -1.09 -8.36
CA GLY A 172 -10.46 -1.57 -7.22
C GLY A 172 -11.89 -1.92 -7.59
N PHE A 173 -12.52 -1.08 -8.40
CA PHE A 173 -13.86 -1.35 -8.90
C PHE A 173 -13.92 -2.66 -9.67
N PHE A 174 -12.97 -2.85 -10.58
CA PHE A 174 -12.95 -4.08 -11.36
C PHE A 174 -12.71 -5.31 -10.49
N GLY A 175 -11.92 -5.17 -9.43
CA GLY A 175 -11.76 -6.24 -8.47
C GLY A 175 -13.08 -6.57 -7.77
N GLY A 176 -13.79 -5.54 -7.36
CA GLY A 176 -15.10 -5.73 -6.75
C GLY A 176 -16.10 -6.39 -7.67
N LEU A 177 -16.12 -5.93 -8.93
CA LEU A 177 -16.98 -6.49 -9.96
C LEU A 177 -16.73 -7.97 -10.14
N ALA A 178 -15.46 -8.36 -10.26
CA ALA A 178 -15.11 -9.76 -10.42
C ALA A 178 -15.56 -10.58 -9.22
N ALA A 179 -15.39 -10.04 -8.03
CA ALA A 179 -15.78 -10.76 -6.82
C ALA A 179 -17.29 -10.95 -6.74
N ILE A 180 -18.03 -9.90 -7.09
CA ILE A 180 -19.49 -9.97 -7.12
C ILE A 180 -19.97 -11.00 -8.15
N ARG A 181 -19.33 -11.00 -9.32
CA ARG A 181 -19.71 -11.89 -10.41
C ARG A 181 -19.56 -13.36 -10.06
N ARG A 182 -18.73 -13.68 -9.08
CA ARG A 182 -18.61 -15.05 -8.67
C ARG A 182 -19.88 -15.52 -7.97
N HIS A 183 -20.61 -14.58 -7.38
CA HIS A 183 -21.85 -14.86 -6.66
C HIS A 183 -23.11 -14.65 -7.49
N GLN A 184 -23.04 -13.75 -8.46
CA GLN A 184 -24.24 -13.40 -9.21
C GLN A 184 -23.83 -12.74 -10.51
N SER A 185 -24.39 -13.18 -11.62
CA SER A 185 -24.11 -12.53 -12.90
C SER A 185 -24.74 -11.13 -12.93
N VAL A 186 -23.94 -10.15 -13.33
CA VAL A 186 -24.36 -8.75 -13.34
C VAL A 186 -23.74 -8.03 -14.53
N LYS A 187 -24.40 -6.97 -14.98
CA LYS A 187 -23.80 -6.07 -15.96
C LYS A 187 -23.03 -5.00 -15.20
N VAL A 188 -21.90 -4.57 -15.76
CA VAL A 188 -21.07 -3.60 -15.04
C VAL A 188 -21.83 -2.30 -14.75
N SER A 189 -22.74 -1.91 -15.65
CA SER A 189 -23.49 -0.66 -15.50
C SER A 189 -24.49 -0.70 -14.33
N SER A 190 -24.76 -1.90 -13.81
CA SER A 190 -25.74 -2.05 -12.73
CA SER A 190 -25.73 -2.07 -12.73
C SER A 190 -25.17 -1.70 -11.36
N LEU A 191 -23.85 -1.78 -11.21
CA LEU A 191 -23.24 -1.56 -9.90
C LEU A 191 -23.32 -0.10 -9.47
N PRO A 192 -23.61 0.16 -8.18
CA PRO A 192 -23.53 1.53 -7.69
C PRO A 192 -22.08 1.96 -7.70
N HIS A 193 -21.78 3.11 -8.32
CA HIS A 193 -20.40 3.52 -8.49
C HIS A 193 -20.28 5.04 -8.54
N GLY A 194 -19.99 5.63 -7.39
CA GLY A 194 -19.73 7.06 -7.29
C GLY A 194 -18.24 7.32 -7.41
N ARG A 195 -17.86 8.40 -8.08
CA ARG A 195 -16.45 8.70 -8.31
C ARG A 195 -16.06 10.09 -7.83
N TYR A 196 -14.77 10.31 -7.63
CA TYR A 196 -14.25 11.64 -7.35
C TYR A 196 -12.90 11.80 -8.03
N ARG A 197 -12.51 13.03 -8.30
CA ARG A 197 -11.24 13.29 -9.00
C ARG A 197 -10.05 13.25 -8.04
N ARG A 198 -9.00 12.54 -8.43
CA ARG A 198 -7.78 12.41 -7.63
C ARG A 198 -7.27 13.75 -7.10
N ASN A 199 -6.93 13.74 -5.82
CA ASN A 199 -6.36 14.88 -5.12
C ASN A 199 -7.30 16.06 -4.97
N THR A 200 -8.60 15.81 -5.12
CA THR A 200 -9.61 16.80 -4.80
C THR A 200 -10.44 16.29 -3.64
N SER A 201 -11.31 17.15 -3.11
CA SER A 201 -12.30 16.77 -2.12
CA SER A 201 -12.30 16.73 -2.13
C SER A 201 -13.70 16.79 -2.72
N GLN A 202 -13.78 16.71 -4.05
CA GLN A 202 -15.05 16.89 -4.74
C GLN A 202 -15.83 15.59 -4.79
N VAL A 203 -16.52 15.29 -3.71
CA VAL A 203 -17.16 13.99 -3.54
C VAL A 203 -18.68 14.03 -3.64
N GLU A 204 -19.22 15.22 -3.82
CA GLU A 204 -20.66 15.43 -3.81
C GLU A 204 -21.39 14.64 -4.90
N ASP A 205 -20.87 14.70 -6.13
CA ASP A 205 -21.49 13.99 -7.25
C ASP A 205 -21.47 12.48 -7.02
N GLY A 206 -20.37 11.97 -6.50
CA GLY A 206 -20.26 10.54 -6.22
C GLY A 206 -21.23 10.08 -5.16
N LEU A 207 -21.40 10.89 -4.12
CA LEU A 207 -22.38 10.56 -3.08
C LEU A 207 -23.80 10.54 -3.65
N ALA A 208 -24.14 11.53 -4.47
CA ALA A 208 -25.47 11.60 -5.07
C ALA A 208 -25.75 10.36 -5.91
N ASP A 209 -24.75 9.89 -6.65
CA ASP A 209 -24.90 8.67 -7.46
C ASP A 209 -25.20 7.45 -6.61
N LEU A 210 -24.52 7.31 -5.48
CA LEU A 210 -24.82 6.21 -4.57
C LEU A 210 -26.22 6.33 -3.99
N LEU A 211 -26.61 7.54 -3.60
CA LEU A 211 -27.88 7.77 -2.91
C LEU A 211 -29.09 7.52 -3.80
N MSE A 212 -28.93 7.70 -5.11
CA MSE A 212 -30.05 7.53 -6.03
C MSE A 212 -30.17 6.09 -6.53
O MSE A 212 -31.08 5.77 -7.29
CB MSE A 212 -29.93 8.48 -7.21
CG MSE A 212 -28.86 8.06 -8.20
SE MSE A 212 -28.73 9.22 -9.76
CE MSE A 212 -29.98 10.61 -9.24
N HIS A 213 -29.26 5.22 -6.12
CA HIS A 213 -29.23 3.86 -6.65
C HIS A 213 -30.41 3.02 -6.17
N GLN A 214 -30.87 2.12 -7.04
CA GLN A 214 -31.91 1.14 -6.72
C GLN A 214 -31.36 -0.27 -6.81
N PRO A 215 -31.21 -0.96 -5.66
CA PRO A 215 -31.55 -0.52 -4.31
C PRO A 215 -30.45 0.35 -3.71
N LEU A 216 -30.75 1.03 -2.62
CA LEU A 216 -29.76 1.81 -1.89
C LEU A 216 -28.66 0.87 -1.37
N PRO A 217 -27.39 1.23 -1.56
CA PRO A 217 -26.34 0.33 -1.09
C PRO A 217 -26.36 0.15 0.43
N LYS A 218 -26.13 -1.09 0.88
CA LYS A 218 -25.97 -1.38 2.30
C LYS A 218 -24.51 -1.40 2.69
N ALA A 219 -23.63 -1.51 1.70
CA ALA A 219 -22.20 -1.49 1.93
C ALA A 219 -21.58 -0.65 0.84
N VAL A 220 -20.59 0.16 1.21
CA VAL A 220 -19.86 0.96 0.24
C VAL A 220 -18.38 0.68 0.40
N ILE A 221 -17.78 0.12 -0.65
CA ILE A 221 -16.36 -0.15 -0.73
C ILE A 221 -15.67 1.09 -1.29
N MSE A 222 -14.74 1.61 -0.50
CA MSE A 222 -14.05 2.86 -0.82
C MSE A 222 -12.66 2.59 -1.37
O MSE A 222 -11.79 2.04 -0.68
CB MSE A 222 -13.96 3.75 0.42
CG MSE A 222 -15.30 4.05 1.04
SE MSE A 222 -15.29 5.33 2.50
CE MSE A 222 -14.00 4.42 3.63
N VAL A 223 -12.48 2.97 -2.63
CA VAL A 223 -11.20 2.82 -3.31
C VAL A 223 -10.70 4.24 -3.57
N GLY A 224 -10.18 4.85 -2.52
CA GLY A 224 -9.81 6.24 -2.56
C GLY A 224 -8.69 6.54 -1.60
N THR A 225 -8.53 7.81 -1.25
CA THR A 225 -7.56 8.22 -0.23
C THR A 225 -8.28 8.85 0.95
N TYR A 226 -7.56 9.02 2.05
CA TYR A 226 -8.17 9.42 3.31
C TYR A 226 -8.94 10.72 3.25
N GLU A 227 -8.44 11.75 2.56
CA GLU A 227 -9.14 13.03 2.54
C GLU A 227 -10.54 12.95 1.90
N PRO A 228 -10.63 12.51 0.63
CA PRO A 228 -11.96 12.44 0.03
C PRO A 228 -12.83 11.38 0.69
N CYS A 229 -12.26 10.28 1.17
CA CYS A 229 -13.07 9.28 1.85
C CYS A 229 -13.66 9.82 3.16
N SER A 230 -12.88 10.61 3.89
CA SER A 230 -13.38 11.21 5.11
CA SER A 230 -13.37 11.22 5.11
C SER A 230 -14.53 12.16 4.82
N LYS A 231 -14.38 12.98 3.79
CA LYS A 231 -15.42 13.91 3.42
C LYS A 231 -16.68 13.18 2.97
N LEU A 232 -16.52 12.13 2.19
CA LEU A 232 -17.65 11.33 1.74
C LEU A 232 -18.42 10.78 2.94
N ILE A 233 -17.72 10.20 3.90
CA ILE A 233 -18.36 9.63 5.08
C ILE A 233 -19.10 10.69 5.90
N ARG A 234 -18.47 11.85 6.11
CA ARG A 234 -19.12 12.94 6.81
C ARG A 234 -20.39 13.37 6.10
N MSE A 235 -20.30 13.52 4.79
CA MSE A 235 -21.44 13.97 3.99
C MSE A 235 -22.55 12.95 3.90
O MSE A 235 -23.73 13.28 3.90
CB MSE A 235 -20.98 14.38 2.60
CG MSE A 235 -20.22 15.67 2.60
SE MSE A 235 -19.93 16.39 0.83
CE MSE A 235 -21.41 15.58 -0.07
N ALA A 236 -22.17 11.68 3.81
CA ALA A 236 -23.16 10.60 3.81
C ALA A 236 -23.99 10.69 5.08
N ARG A 237 -23.32 10.80 6.23
CA ARG A 237 -24.04 10.81 7.51
C ARG A 237 -24.92 12.06 7.64
N MSE A 238 -24.48 13.18 7.05
CA MSE A 238 -25.29 14.41 7.02
C MSE A 238 -26.49 14.26 6.09
O MSE A 238 -27.53 14.89 6.30
CB MSE A 238 -24.45 15.60 6.55
CG MSE A 238 -23.28 15.95 7.46
SE MSE A 238 -23.78 16.85 9.10
CE MSE A 238 -24.59 18.43 8.31
N ASN A 239 -26.35 13.42 5.07
CA ASN A 239 -27.41 13.17 4.09
C ASN A 239 -28.26 11.95 4.44
N ASN A 240 -28.22 11.54 5.71
CA ASN A 240 -29.08 10.48 6.22
C ASN A 240 -28.76 9.11 5.60
N PHE A 241 -27.48 8.85 5.38
CA PHE A 241 -27.05 7.61 4.74
C PHE A 241 -25.92 6.97 5.55
N ASN A 242 -26.18 5.79 6.09
CA ASN A 242 -25.22 5.11 6.96
C ASN A 242 -24.98 3.65 6.61
N PRO A 243 -24.43 3.38 5.43
CA PRO A 243 -24.13 1.99 5.06
C PRO A 243 -22.90 1.51 5.81
N GLN A 244 -22.56 0.23 5.69
CA GLN A 244 -21.27 -0.24 6.14
C GLN A 244 -20.21 0.27 5.17
N PHE A 245 -19.27 1.08 5.65
CA PHE A 245 -18.16 1.54 4.82
C PHE A 245 -16.98 0.60 4.98
N LEU A 246 -16.33 0.28 3.86
CA LEU A 246 -15.14 -0.56 3.88
C LEU A 246 -14.04 0.11 3.08
N ALA A 247 -12.88 0.32 3.69
CA ALA A 247 -11.77 1.02 3.05
C ALA A 247 -10.71 0.02 2.63
N VAL A 248 -10.21 0.14 1.41
CA VAL A 248 -9.06 -0.67 1.03
C VAL A 248 -7.81 -0.12 1.71
N SER A 249 -6.73 -0.89 1.63
CA SER A 249 -5.47 -0.57 2.29
C SER A 249 -4.96 0.83 1.99
N PHE A 250 -5.03 1.22 0.72
CA PHE A 250 -4.42 2.45 0.23
C PHE A 250 -5.09 3.69 0.80
N VAL A 251 -6.33 3.60 1.27
CA VAL A 251 -7.01 4.75 1.85
C VAL A 251 -6.17 5.39 2.95
N GLY A 252 -5.55 4.56 3.77
CA GLY A 252 -4.80 5.02 4.92
C GLY A 252 -5.68 5.06 6.14
N ALA A 253 -5.86 3.90 6.78
CA ALA A 253 -6.84 3.76 7.86
C ALA A 253 -6.49 4.62 9.07
N ASP A 254 -5.21 4.80 9.32
CA ASP A 254 -4.80 5.63 10.45
C ASP A 254 -5.12 7.09 10.21
N ALA A 255 -4.82 7.57 9.00
CA ALA A 255 -5.17 8.94 8.65
C ALA A 255 -6.69 9.14 8.60
N LEU A 256 -7.40 8.13 8.12
CA LEU A 256 -8.85 8.19 8.05
C LEU A 256 -9.45 8.34 9.44
N GLN A 257 -8.97 7.54 10.39
CA GLN A 257 -9.48 7.59 11.75
C GLN A 257 -9.18 8.93 12.41
N ARG A 258 -7.98 9.47 12.15
CA ARG A 258 -7.58 10.75 12.71
C ARG A 258 -8.49 11.87 12.20
N SER A 259 -8.84 11.81 10.92
CA SER A 259 -9.68 12.86 10.34
C SER A 259 -11.13 12.77 10.83
N LEU A 260 -11.64 11.56 10.94
CA LEU A 260 -13.06 11.37 11.24
C LEU A 260 -13.40 11.29 12.72
N GLY A 261 -12.43 10.94 13.55
CA GLY A 261 -12.68 10.74 14.97
C GLY A 261 -13.75 9.69 15.20
N ASP A 262 -14.75 10.04 16.03
CA ASP A 262 -15.84 9.12 16.36
C ASP A 262 -16.60 8.61 15.13
N LEU A 263 -16.56 9.37 14.04
CA LEU A 263 -17.31 9.03 12.85
C LEU A 263 -16.67 7.85 12.11
N ALA A 264 -15.45 7.48 12.50
CA ALA A 264 -14.78 6.33 11.90
C ALA A 264 -15.15 5.03 12.62
N ASN A 265 -15.80 5.14 13.77
CA ASN A 265 -16.19 3.98 14.55
C ASN A 265 -17.10 3.07 13.74
N GLY A 266 -16.66 1.84 13.51
CA GLY A 266 -17.46 0.88 12.77
C GLY A 266 -16.98 0.64 11.35
N ILE A 267 -16.09 1.49 10.85
CA ILE A 267 -15.52 1.29 9.52
C ILE A 267 -14.60 0.07 9.52
N VAL A 268 -14.70 -0.74 8.46
CA VAL A 268 -13.80 -1.87 8.28
C VAL A 268 -12.78 -1.50 7.21
N ALA A 269 -11.52 -1.81 7.44
CA ALA A 269 -10.47 -1.47 6.47
C ALA A 269 -9.56 -2.67 6.30
N THR A 270 -9.37 -3.10 5.05
CA THR A 270 -8.50 -4.22 4.79
C THR A 270 -7.05 -3.75 4.69
N GLN A 271 -6.16 -4.46 5.37
CA GLN A 271 -4.73 -4.15 5.35
C GLN A 271 -3.93 -5.26 4.67
N VAL A 272 -2.76 -4.89 4.17
CA VAL A 272 -1.84 -5.83 3.55
C VAL A 272 -0.68 -6.19 4.47
N VAL A 273 -0.81 -5.78 5.72
CA VAL A 273 0.16 -6.07 6.79
C VAL A 273 -0.64 -6.44 8.03
N PRO A 274 -0.04 -7.17 8.97
CA PRO A 274 -0.71 -7.44 10.25
C PRO A 274 -0.81 -6.15 11.06
N HIS A 275 -1.48 -6.21 12.19
CA HIS A 275 -1.69 -5.00 12.97
C HIS A 275 -0.38 -4.58 13.61
N PHE A 276 -0.12 -3.27 13.64
CA PHE A 276 1.12 -2.78 14.24
C PHE A 276 1.19 -2.97 15.75
N ASP A 277 0.08 -3.37 16.37
CA ASP A 277 0.08 -3.72 17.78
C ASP A 277 0.28 -5.21 18.02
N SER A 278 0.42 -5.98 16.95
CA SER A 278 0.61 -7.45 17.03
C SER A 278 1.91 -7.83 17.73
N ASP A 279 1.96 -9.03 18.28
CA ASP A 279 3.21 -9.48 18.87
CA ASP A 279 3.17 -9.53 18.92
C ASP A 279 3.96 -10.46 17.98
N LEU A 280 3.56 -10.51 16.71
CA LEU A 280 4.34 -11.25 15.71
C LEU A 280 5.77 -10.73 15.75
N PRO A 281 6.77 -11.61 15.61
CA PRO A 281 8.16 -11.15 15.75
C PRO A 281 8.53 -9.97 14.84
N LEU A 282 8.10 -9.98 13.59
CA LEU A 282 8.41 -8.87 12.69
CA LEU A 282 8.41 -8.88 12.69
C LEU A 282 7.83 -7.56 13.21
N VAL A 283 6.60 -7.63 13.72
CA VAL A 283 5.94 -6.42 14.18
C VAL A 283 6.61 -5.86 15.43
N ARG A 284 7.07 -6.72 16.33
CA ARG A 284 7.81 -6.25 17.50
C ARG A 284 9.11 -5.57 17.05
N GLU A 285 9.74 -6.13 16.02
CA GLU A 285 10.96 -5.55 15.45
C GLU A 285 10.70 -4.20 14.79
N TYR A 286 9.58 -4.09 14.09
CA TYR A 286 9.11 -2.82 13.55
C TYR A 286 8.98 -1.78 14.66
N ARG A 287 8.34 -2.15 15.77
CA ARG A 287 8.12 -1.18 16.83
C ARG A 287 9.45 -0.73 17.45
N ASP A 288 10.38 -1.67 17.62
CA ASP A 288 11.69 -1.31 18.16
C ASP A 288 12.43 -0.38 17.20
N ALA A 289 12.37 -0.68 15.91
CA ALA A 289 13.05 0.12 14.90
C ALA A 289 12.47 1.52 14.85
N MSE A 290 11.15 1.62 14.89
CA MSE A 290 10.50 2.94 14.91
C MSE A 290 10.85 3.74 16.15
O MSE A 290 11.10 4.95 16.07
CB MSE A 290 8.98 2.78 14.81
CG MSE A 290 8.50 2.30 13.47
SE MSE A 290 8.60 3.67 12.08
CE MSE A 290 7.08 4.74 12.67
N ARG A 291 10.87 3.07 17.30
CA ARG A 291 11.16 3.74 18.55
C ARG A 291 12.57 4.35 18.52
N ASP A 292 13.53 3.59 18.00
CA ASP A 292 14.90 4.06 17.92
C ASP A 292 15.09 5.11 16.83
N TYR A 293 14.34 4.98 15.74
CA TYR A 293 14.43 5.88 14.59
C TYR A 293 13.86 7.26 14.93
N ASP A 294 12.65 7.28 15.46
CA ASP A 294 12.03 8.53 15.89
C ASP A 294 10.84 8.19 16.78
N PRO A 295 11.03 8.30 18.10
CA PRO A 295 9.96 7.92 19.03
C PRO A 295 8.74 8.85 19.00
N GLU A 296 8.83 9.97 18.29
CA GLU A 296 7.67 10.87 18.20
C GLU A 296 6.69 10.47 17.10
N LEU A 297 7.12 9.62 16.17
CA LEU A 297 6.25 9.21 15.07
C LEU A 297 5.23 8.19 15.53
N PRO A 298 3.95 8.40 15.20
CA PRO A 298 2.95 7.39 15.50
C PRO A 298 3.14 6.16 14.63
N LEU A 299 2.81 4.99 15.16
CA LEU A 299 2.81 3.77 14.36
C LEU A 299 1.67 3.81 13.35
N SER A 300 1.82 3.11 12.23
CA SER A 300 0.75 3.03 11.25
C SER A 300 0.90 1.80 10.38
N PHE A 301 -0.19 1.38 9.74
CA PHE A 301 -0.10 0.29 8.79
C PHE A 301 0.82 0.67 7.63
N VAL A 302 0.88 1.96 7.30
CA VAL A 302 1.66 2.41 6.17
C VAL A 302 3.16 2.28 6.46
N SER A 303 3.60 2.79 7.60
CA SER A 303 5.03 2.64 7.89
C SER A 303 5.42 1.19 8.17
N LEU A 304 4.50 0.38 8.71
CA LEU A 304 4.78 -1.03 8.87
C LEU A 304 5.04 -1.67 7.50
N GLU A 305 4.24 -1.33 6.49
CA GLU A 305 4.51 -1.82 5.15
C GLU A 305 5.88 -1.36 4.63
N GLY A 306 6.21 -0.09 4.85
CA GLY A 306 7.51 0.41 4.41
C GLY A 306 8.66 -0.32 5.08
N TYR A 307 8.50 -0.58 6.38
CA TYR A 307 9.48 -1.32 7.14
C TYR A 307 9.67 -2.74 6.58
N ILE A 308 8.57 -3.41 6.27
CA ILE A 308 8.61 -4.75 5.68
C ILE A 308 9.35 -4.73 4.34
N VAL A 309 9.03 -3.76 3.50
CA VAL A 309 9.73 -3.60 2.23
C VAL A 309 11.24 -3.42 2.47
N GLY A 310 11.61 -2.54 3.40
CA GLY A 310 13.01 -2.34 3.72
C GLY A 310 13.68 -3.62 4.22
N ARG A 311 12.99 -4.35 5.09
CA ARG A 311 13.52 -5.61 5.61
C ARG A 311 13.77 -6.63 4.51
N ILE A 312 12.82 -6.77 3.58
CA ILE A 312 12.98 -7.71 2.49
C ILE A 312 14.13 -7.31 1.57
N LEU A 313 14.21 -6.02 1.25
CA LEU A 313 15.30 -5.50 0.44
C LEU A 313 16.66 -5.80 1.07
N VAL A 314 16.80 -5.51 2.36
CA VAL A 314 18.05 -5.77 3.05
C VAL A 314 18.39 -7.26 3.06
N LYS A 315 17.39 -8.10 3.33
CA LYS A 315 17.60 -9.54 3.26
C LYS A 315 18.13 -9.96 1.89
N ALA A 316 17.53 -9.45 0.81
CA ALA A 316 18.01 -9.77 -0.53
C ALA A 316 19.43 -9.27 -0.74
N VAL A 317 19.72 -8.03 -0.35
CA VAL A 317 21.06 -7.48 -0.54
C VAL A 317 22.12 -8.28 0.22
N THR A 318 21.78 -8.73 1.43
CA THR A 318 22.71 -9.51 2.25
C THR A 318 23.14 -10.80 1.55
N SER A 319 22.27 -11.34 0.72
CA SER A 319 22.53 -12.60 0.06
C SER A 319 23.45 -12.49 -1.15
N ILE A 320 23.68 -11.27 -1.61
CA ILE A 320 24.45 -11.08 -2.84
C ILE A 320 25.92 -11.38 -2.61
N LYS A 321 26.49 -12.18 -3.49
CA LYS A 321 27.92 -12.38 -3.53
C LYS A 321 28.46 -11.70 -4.78
N GLY A 322 29.34 -10.73 -4.57
CA GLY A 322 29.85 -9.94 -5.68
C GLY A 322 29.21 -8.58 -5.74
N GLU A 323 29.28 -7.97 -6.92
CA GLU A 323 28.82 -6.60 -7.12
C GLU A 323 27.34 -6.45 -6.83
N ILE A 324 27.01 -5.43 -6.05
CA ILE A 324 25.62 -5.07 -5.81
C ILE A 324 25.22 -4.09 -6.92
N SER A 325 24.26 -4.51 -7.73
CA SER A 325 23.86 -3.76 -8.91
C SER A 325 22.37 -3.95 -9.13
N ARG A 326 21.81 -3.23 -10.10
CA ARG A 326 20.42 -3.43 -10.49
C ARG A 326 20.17 -4.89 -10.82
N SER A 327 21.05 -5.49 -11.61
CA SER A 327 20.86 -6.87 -12.03
CA SER A 327 20.88 -6.88 -12.03
C SER A 327 21.00 -7.86 -10.86
N SER A 328 21.99 -7.65 -10.00
CA SER A 328 22.15 -8.59 -8.90
C SER A 328 21.05 -8.42 -7.83
N ILE A 329 20.49 -7.23 -7.71
CA ILE A 329 19.38 -7.03 -6.79
C ILE A 329 18.12 -7.72 -7.32
N ALA A 330 17.84 -7.57 -8.61
CA ALA A 330 16.70 -8.24 -9.22
C ALA A 330 16.82 -9.75 -9.00
N ALA A 331 18.01 -10.30 -9.24
CA ALA A 331 18.24 -11.72 -9.07
C ALA A 331 18.10 -12.13 -7.60
N ALA A 332 18.61 -11.32 -6.69
CA ALA A 332 18.57 -11.66 -5.28
C ALA A 332 17.15 -11.68 -4.74
N LEU A 333 16.31 -10.77 -5.21
CA LEU A 333 14.91 -10.76 -4.81
C LEU A 333 14.23 -12.06 -5.27
N GLU A 334 14.52 -12.50 -6.49
CA GLU A 334 13.93 -13.73 -7.01
C GLU A 334 14.49 -14.97 -6.33
N GLN A 335 15.71 -14.87 -5.80
CA GLN A 335 16.36 -15.99 -5.13
C GLN A 335 15.84 -16.17 -3.70
N LEU A 336 15.05 -15.23 -3.20
CA LEU A 336 14.51 -15.35 -1.85
C LEU A 336 13.68 -16.64 -1.67
N GLY A 337 13.00 -17.06 -2.72
CA GLY A 337 12.21 -18.28 -2.66
C GLY A 337 11.11 -18.19 -1.62
N GLN A 338 10.86 -19.30 -0.92
CA GLN A 338 9.96 -19.26 0.21
C GLN A 338 10.75 -18.88 1.45
N PHE A 339 10.33 -17.82 2.11
CA PHE A 339 11.09 -17.31 3.24
C PHE A 339 10.19 -16.79 4.34
N ASP A 340 10.78 -16.62 5.52
CA ASP A 340 10.05 -16.24 6.71
C ASP A 340 10.73 -15.02 7.30
N ILE A 341 9.97 -13.95 7.52
CA ILE A 341 10.53 -12.77 8.19
C ILE A 341 9.79 -12.45 9.49
N GLY A 342 9.03 -13.41 10.01
CA GLY A 342 8.36 -13.23 11.28
C GLY A 342 6.95 -12.68 11.20
N LEU A 343 6.30 -12.90 10.06
CA LEU A 343 4.92 -12.46 9.83
C LEU A 343 3.88 -13.50 10.21
N GLY A 344 4.33 -14.70 10.58
CA GLY A 344 3.42 -15.75 10.98
C GLY A 344 3.11 -16.72 9.86
N ALA A 345 3.38 -16.30 8.62
CA ALA A 345 3.19 -17.15 7.45
C ALA A 345 4.25 -16.81 6.42
N PRO A 346 4.69 -17.81 5.64
CA PRO A 346 5.79 -17.59 4.70
C PRO A 346 5.44 -16.68 3.53
N LEU A 347 6.47 -15.98 3.06
CA LEU A 347 6.41 -15.19 1.84
C LEU A 347 7.07 -16.00 0.73
N THR A 348 6.71 -15.73 -0.52
CA THR A 348 7.29 -16.46 -1.64
C THR A 348 7.59 -15.51 -2.80
N LEU A 349 8.83 -15.53 -3.25
CA LEU A 349 9.22 -14.79 -4.44
C LEU A 349 10.07 -15.70 -5.30
N GLY A 350 10.05 -15.49 -6.61
CA GLY A 350 10.86 -16.28 -7.52
C GLY A 350 10.81 -15.70 -8.91
N PRO A 351 11.52 -16.31 -9.86
CA PRO A 351 11.55 -15.88 -11.27
C PRO A 351 10.16 -15.70 -11.86
N ASN A 352 9.21 -16.54 -11.43
CA ASN A 352 7.85 -16.50 -11.95
C ASN A 352 6.81 -16.16 -10.88
N ASP A 353 7.27 -15.56 -9.79
CA ASP A 353 6.40 -15.24 -8.68
C ASP A 353 6.84 -13.90 -8.11
N HIS A 354 6.15 -12.85 -8.53
CA HIS A 354 6.56 -11.51 -8.17
C HIS A 354 5.65 -10.81 -7.17
N GLN A 355 4.88 -11.58 -6.41
CA GLN A 355 4.10 -11.02 -5.31
C GLN A 355 4.32 -11.88 -4.08
N ALA A 356 4.91 -11.29 -3.05
CA ALA A 356 5.38 -12.09 -1.91
C ALA A 356 4.26 -12.63 -1.05
N SER A 357 3.20 -11.84 -0.90
CA SER A 357 2.10 -12.13 0.02
C SER A 357 0.76 -11.96 -0.68
N SER A 358 -0.20 -12.85 -0.37
CA SER A 358 -1.61 -12.64 -0.77
C SER A 358 -2.49 -12.40 0.45
N LYS A 359 -1.88 -12.24 1.62
CA LYS A 359 -2.65 -12.16 2.85
C LYS A 359 -3.30 -10.80 3.03
N VAL A 360 -4.56 -10.84 3.46
CA VAL A 360 -5.34 -9.64 3.72
C VAL A 360 -5.78 -9.69 5.17
N TRP A 361 -5.46 -8.63 5.93
CA TRP A 361 -5.78 -8.55 7.35
C TRP A 361 -6.83 -7.48 7.56
N PRO A 362 -8.11 -7.87 7.73
CA PRO A 362 -9.12 -6.84 7.97
C PRO A 362 -9.03 -6.28 9.39
N VAL A 363 -9.30 -4.99 9.53
CA VAL A 363 -9.38 -4.38 10.85
C VAL A 363 -10.69 -3.63 11.00
N LEU A 364 -11.14 -3.56 12.24
CA LEU A 364 -12.32 -2.80 12.59
C LEU A 364 -11.89 -1.56 13.34
N ILE A 365 -12.26 -0.39 12.84
CA ILE A 365 -11.92 0.86 13.50
C ILE A 365 -12.93 1.11 14.61
N GLY A 366 -12.44 1.39 15.81
CA GLY A 366 -13.30 1.64 16.95
C GLY A 366 -13.27 3.09 17.35
N ALA A 367 -13.55 3.37 18.62
CA ALA A 367 -13.57 4.72 19.15
C ALA A 367 -12.20 5.39 19.13
N ASP A 368 -11.17 4.66 19.57
CA ASP A 368 -9.87 5.25 19.82
C ASP A 368 -8.74 4.55 19.08
N SER A 369 -9.03 3.38 18.52
CA SER A 369 -8.01 2.56 17.90
C SER A 369 -8.65 1.68 16.84
N SER A 370 -7.87 0.78 16.26
CA SER A 370 -8.43 -0.27 15.43
C SER A 370 -7.94 -1.61 15.97
N GLN A 371 -8.64 -2.68 15.62
CA GLN A 371 -8.26 -4.03 16.03
C GLN A 371 -8.48 -4.99 14.90
N SER A 372 -7.77 -6.11 14.92
CA SER A 372 -7.97 -7.19 13.95
CA SER A 372 -7.97 -7.17 13.94
C SER A 372 -9.42 -7.63 13.97
N LEU A 373 -9.97 -7.92 12.80
CA LEU A 373 -11.35 -8.37 12.66
C LEU A 373 -11.38 -9.73 11.97
N ALA A 374 -12.11 -10.68 12.57
CA ALA A 374 -12.41 -11.93 11.88
C ALA A 374 -13.64 -11.67 11.02
N TRP A 375 -13.59 -12.09 9.75
CA TRP A 375 -14.68 -11.80 8.83
C TRP A 375 -16.05 -12.33 9.29
N GLU A 376 -16.05 -13.39 10.10
CA GLU A 376 -17.31 -13.93 10.59
C GLU A 376 -17.96 -13.01 11.62
N GLU A 377 -17.24 -11.98 12.04
CA GLU A 377 -17.79 -11.00 12.97
C GLU A 377 -18.20 -9.72 12.26
N LEU A 378 -18.04 -9.69 10.94
CA LEU A 378 -18.48 -8.53 10.16
C LEU A 378 -19.95 -8.25 10.40
N LEU A 379 -20.27 -6.99 10.64
CA LEU A 379 -21.65 -6.55 10.93
C LEU A 379 -22.19 -7.10 12.25
N SER A 380 -21.29 -7.51 13.15
CA SER A 380 -21.70 -7.92 14.50
C SER A 380 -21.46 -6.79 15.48
C FMT B . -3.52 3.82 -5.65
O1 FMT B . -3.21 2.63 -5.83
O2 FMT B . -3.24 4.75 -6.42
#